data_2GMC
#
_entry.id   2GMC
#
_cell.length_a   1.000
_cell.length_b   1.000
_cell.length_c   1.000
_cell.angle_alpha   90.00
_cell.angle_beta   90.00
_cell.angle_gamma   90.00
#
_symmetry.space_group_name_H-M   'P 1'
#
loop_
_entity.id
_entity.type
_entity.pdbx_description
1 polymer 'LACTOFERRIN-BASED SYNTHETIC PEPTIDE C12-LF11'
2 non-polymer 'LAURIC ACID'
#
_entity_poly.entity_id   1
_entity_poly.type   'polypeptide(L)'
_entity_poly.pdbx_seq_one_letter_code
;FQWQRNIRKVR(NH2)
;
_entity_poly.pdbx_strand_id   A
#
loop_
_chem_comp.id
_chem_comp.type
_chem_comp.name
_chem_comp.formula
DAO non-polymer 'LAURIC ACID' 'C12 H24 O2'
NH2 non-polymer 'AMINO GROUP' 'H2 N'
#
# COMPACT_ATOMS: atom_id res chain seq x y z
N PHE A 1 -3.59 5.82 6.54
CA PHE A 1 -3.81 4.47 7.18
C PHE A 1 -4.27 3.24 6.33
N GLN A 2 -4.98 3.45 5.22
CA GLN A 2 -5.36 2.39 4.26
C GLN A 2 -4.19 1.67 3.52
N TRP A 3 -3.03 2.33 3.30
CA TRP A 3 -1.87 1.70 2.63
C TRP A 3 -0.45 2.26 3.00
N GLN A 4 -0.20 2.79 4.22
CA GLN A 4 1.12 3.38 4.62
C GLN A 4 2.41 2.49 4.48
N ARG A 5 2.25 1.15 4.46
CA ARG A 5 3.28 0.20 3.97
C ARG A 5 2.80 -0.80 2.85
N ASN A 6 1.81 -0.47 2.00
CA ASN A 6 1.26 -1.41 0.96
C ASN A 6 0.85 -0.67 -0.37
N ILE A 7 1.84 -0.18 -1.15
CA ILE A 7 1.59 0.37 -2.54
C ILE A 7 2.24 -0.47 -3.69
N ARG A 8 3.28 -1.30 -3.45
CA ARG A 8 3.88 -2.15 -4.51
C ARG A 8 3.06 -3.45 -4.80
N LYS A 9 2.47 -4.11 -3.77
CA LYS A 9 1.31 -5.02 -3.98
C LYS A 9 0.00 -4.38 -4.55
N VAL A 10 -0.44 -3.19 -4.06
CA VAL A 10 -1.60 -2.45 -4.62
C VAL A 10 -1.08 -1.49 -5.75
N ARG A 11 -0.66 -2.06 -6.89
CA ARG A 11 0.16 -1.33 -7.90
C ARG A 11 -0.63 -0.40 -8.87
N NH2 A 12 -1.74 -0.82 -9.46
HN1 NH2 A 12 -2.19 -0.09 -10.02
HN2 NH2 A 12 -2.14 -1.68 -9.09
O1 DAO B . -2.14 4.88 4.66
C1 DAO B . -2.58 5.88 5.22
C2 DAO B . -2.33 7.30 4.69
C3 DAO B . -2.56 7.48 3.17
C4 DAO B . -4.00 7.16 2.67
C5 DAO B . -4.87 8.34 2.21
C6 DAO B . -5.45 9.20 3.34
C7 DAO B . -6.62 10.07 2.85
C8 DAO B . -7.25 11.03 3.89
C9 DAO B . -6.38 12.28 4.20
C10 DAO B . -7.15 13.40 4.94
C11 DAO B . -7.52 13.10 6.39
C12 DAO B . -8.27 14.27 7.04
H21 DAO B . -2.95 8.03 5.24
H22 DAO B . -1.28 7.56 4.93
H31 DAO B . -2.25 8.49 2.84
H32 DAO B . -1.86 6.79 2.65
H41 DAO B . -3.91 6.47 1.82
H42 DAO B . -4.54 6.58 3.44
H51 DAO B . -5.71 7.91 1.63
H52 DAO B . -4.32 8.97 1.49
H61 DAO B . -5.80 8.56 4.18
H62 DAO B . -4.65 9.84 3.79
H71 DAO B . -6.32 10.66 1.96
H72 DAO B . -7.42 9.42 2.48
H81 DAO B . -8.22 11.35 3.51
H82 DAO B . -7.46 10.47 4.83
H91 DAO B . -6.01 12.69 3.25
H92 DAO B . -5.48 11.99 4.77
H101 DAO B . -6.52 14.32 4.90
H102 DAO B . -8.06 13.67 4.35
H111 DAO B . -8.15 12.19 6.45
H112 DAO B . -6.60 12.88 6.98
H121 DAO B . -7.67 15.20 7.05
H122 DAO B . -9.22 14.49 6.52
H123 DAO B . -8.53 14.05 8.10
N PHE A 1 -3.59 5.87 6.40
CA PHE A 1 -3.82 4.56 7.10
C PHE A 1 -4.34 3.31 6.32
N GLN A 2 -5.03 3.51 5.19
CA GLN A 2 -5.40 2.45 4.22
C GLN A 2 -4.24 1.65 3.56
N TRP A 3 -3.07 2.27 3.34
CA TRP A 3 -1.91 1.61 2.68
C TRP A 3 -0.49 2.19 3.05
N GLN A 4 -0.25 2.73 4.25
CA GLN A 4 1.06 3.38 4.62
C GLN A 4 2.39 2.54 4.50
N ARG A 5 2.28 1.21 4.52
CA ARG A 5 3.35 0.28 4.06
C ARG A 5 2.95 -0.72 2.91
N ASN A 6 1.95 -0.42 2.05
CA ASN A 6 1.43 -1.40 1.04
C ASN A 6 0.98 -0.72 -0.29
N ILE A 7 1.94 -0.23 -1.11
CA ILE A 7 1.64 0.34 -2.47
C ILE A 7 2.18 -0.53 -3.65
N ARG A 8 3.29 -1.27 -3.51
CA ARG A 8 3.80 -2.16 -4.60
C ARG A 8 3.04 -3.51 -4.76
N LYS A 9 2.35 -4.05 -3.72
CA LYS A 9 1.21 -4.99 -3.95
C LYS A 9 -0.08 -4.37 -4.58
N VAL A 10 -0.50 -3.14 -4.20
CA VAL A 10 -1.63 -2.41 -4.85
C VAL A 10 -1.06 -1.59 -6.07
N ARG A 11 -0.61 -2.28 -7.13
CA ARG A 11 0.30 -1.69 -8.15
C ARG A 11 -0.41 -0.87 -9.26
N NH2 A 12 -1.44 -1.35 -9.93
HN1 NH2 A 12 -1.85 -0.67 -10.57
HN2 NH2 A 12 -1.87 -2.19 -9.54
O1 DAO B . -2.28 4.77 4.44
C1 DAO B . -2.56 5.82 5.01
C2 DAO B . -2.09 7.17 4.49
C3 DAO B . -2.42 7.41 3.00
C4 DAO B . -3.92 7.64 2.67
C5 DAO B . -4.25 9.05 2.15
C6 DAO B . -3.97 9.21 0.63
C7 DAO B . -3.93 10.65 0.09
C8 DAO B . -5.23 11.48 0.21
C9 DAO B . -5.34 12.30 1.51
C10 DAO B . -6.57 13.22 1.55
C11 DAO B . -6.65 14.02 2.86
C12 DAO B . -7.86 14.97 2.89
H21 DAO B . -2.49 7.99 5.12
H22 DAO B . -0.99 7.20 4.63
H31 DAO B . -1.81 8.25 2.61
H32 DAO B . -2.07 6.54 2.42
H41 DAO B . -4.25 6.87 1.95
H42 DAO B . -4.53 7.44 3.58
H51 DAO B . -3.70 9.81 2.73
H52 DAO B . -5.32 9.25 2.33
H61 DAO B . -2.99 8.76 0.41
H62 DAO B . -4.70 8.60 0.06
H71 DAO B . -3.09 11.21 0.53
H72 DAO B . -3.68 10.59 -0.98
H81 DAO B . -5.28 12.19 -0.66
H82 DAO B . -6.13 10.83 0.07
H91 DAO B . -4.42 12.91 1.64
H92 DAO B . -5.36 11.61 2.38
H101 DAO B . -6.55 13.91 0.69
H102 DAO B . -7.50 12.62 1.42
H111 DAO B . -6.69 13.34 3.73
H112 DAO B . -5.72 14.62 2.99
H121 DAO B . -7.83 15.71 2.07
H122 DAO B . -8.81 14.41 2.81
H123 DAO B . -7.90 15.53 3.84
N PHE A 1 -3.67 5.72 6.46
CA PHE A 1 -3.83 4.39 7.14
C PHE A 1 -4.29 3.13 6.35
N GLN A 2 -5.04 3.31 5.25
CA GLN A 2 -5.41 2.23 4.29
C GLN A 2 -4.22 1.51 3.56
N TRP A 3 -3.08 2.18 3.33
CA TRP A 3 -1.89 1.56 2.67
C TRP A 3 -0.50 2.19 3.05
N GLN A 4 -0.29 2.70 4.28
CA GLN A 4 0.97 3.42 4.66
C GLN A 4 2.35 2.66 4.52
N ARG A 5 2.33 1.31 4.43
CA ARG A 5 3.47 0.51 3.91
C ARG A 5 3.17 -0.43 2.68
N ASN A 6 2.02 -0.30 1.97
CA ASN A 6 1.51 -1.36 1.03
C ASN A 6 1.03 -0.82 -0.36
N ILE A 7 1.90 -0.11 -1.10
CA ILE A 7 1.65 0.32 -2.52
C ILE A 7 2.33 -0.57 -3.61
N ARG A 8 3.24 -1.49 -3.25
CA ARG A 8 3.86 -2.46 -4.19
C ARG A 8 2.92 -3.65 -4.55
N LYS A 9 2.11 -4.18 -3.60
CA LYS A 9 0.91 -5.01 -3.93
C LYS A 9 -0.22 -4.28 -4.74
N VAL A 10 -0.60 -3.04 -4.36
CA VAL A 10 -1.58 -2.21 -5.10
C VAL A 10 -0.77 -1.32 -6.12
N ARG A 11 -0.32 -1.91 -7.24
CA ARG A 11 0.60 -1.24 -8.20
C ARG A 11 -0.06 -0.02 -8.94
N NH2 A 12 0.22 1.20 -8.54
HN1 NH2 A 12 -0.34 1.91 -9.04
HN2 NH2 A 12 0.60 1.28 -7.59
O1 DAO B . -2.36 4.77 4.41
C1 DAO B . -2.72 5.78 5.03
C2 DAO B . -2.42 7.20 4.53
C3 DAO B . -2.73 7.47 3.05
C4 DAO B . -4.17 7.18 2.59
C5 DAO B . -4.85 8.27 1.72
C6 DAO B . -5.77 9.24 2.48
C7 DAO B . -5.05 10.35 3.28
C8 DAO B . -5.97 11.19 4.19
C9 DAO B . -7.02 12.03 3.43
C10 DAO B . -7.96 12.86 4.35
C11 DAO B . -7.32 14.12 4.95
C12 DAO B . -8.31 14.93 5.80
H21 DAO B . -2.96 7.92 5.15
H22 DAO B . -1.35 7.40 4.72
H31 DAO B . -2.44 8.51 2.80
H32 DAO B . -2.06 6.84 2.43
H41 DAO B . -4.16 6.24 2.01
H42 DAO B . -4.83 6.95 3.46
H51 DAO B . -5.48 7.75 0.97
H52 DAO B . -4.11 8.81 1.10
H61 DAO B . -6.44 9.72 1.74
H62 DAO B . -6.44 8.67 3.14
H71 DAO B . -4.27 9.87 3.93
H72 DAO B . -4.48 11.01 2.59
H81 DAO B . -6.47 10.52 4.92
H82 DAO B . -5.34 11.86 4.79
H91 DAO B . -7.66 11.35 2.83
H92 DAO B . -6.54 12.70 2.70
H101 DAO B . -8.84 13.16 3.76
H102 DAO B . -8.36 12.21 5.15
H111 DAO B . -6.45 13.85 5.57
H112 DAO B . -6.92 14.76 4.14
H121 DAO B . -7.84 15.84 6.21
H122 DAO B . -9.19 15.25 5.20
H123 DAO B . -8.69 14.34 6.65
N PHE A 1 -3.49 5.57 6.72
CA PHE A 1 -3.70 4.19 7.29
C PHE A 1 -4.09 2.98 6.37
N GLN A 2 -4.89 3.21 5.32
CA GLN A 2 -5.29 2.19 4.31
C GLN A 2 -4.16 1.48 3.51
N TRP A 3 -3.06 2.18 3.20
CA TRP A 3 -1.89 1.61 2.47
C TRP A 3 -0.48 2.18 2.82
N GLN A 4 -0.30 2.92 3.92
CA GLN A 4 1.01 3.43 4.43
C GLN A 4 2.31 2.58 4.27
N ARG A 5 2.23 1.25 4.46
CA ARG A 5 3.31 0.32 4.03
C ARG A 5 2.77 -0.82 3.07
N ASN A 6 2.01 -0.47 2.02
CA ASN A 6 1.41 -1.42 1.03
C ASN A 6 1.03 -0.73 -0.33
N ILE A 7 2.02 -0.20 -1.09
CA ILE A 7 1.78 0.35 -2.48
C ILE A 7 2.44 -0.49 -3.64
N ARG A 8 3.44 -1.35 -3.38
CA ARG A 8 3.94 -2.32 -4.38
C ARG A 8 2.95 -3.50 -4.69
N LYS A 9 2.22 -4.03 -3.68
CA LYS A 9 1.04 -4.92 -3.91
C LYS A 9 -0.22 -4.22 -4.54
N VAL A 10 -0.65 -3.04 -4.04
CA VAL A 10 -1.73 -2.23 -4.70
C VAL A 10 -1.04 -1.31 -5.76
N ARG A 11 -0.64 -1.91 -6.90
CA ARG A 11 0.40 -1.32 -7.79
C ARG A 11 -0.09 -0.25 -8.81
N NH2 A 12 -1.18 -0.44 -9.53
HN1 NH2 A 12 -1.41 0.34 -10.15
HN2 NH2 A 12 -1.78 -1.23 -9.27
O1 DAO B . -2.38 4.72 4.35
C1 DAO B . -2.58 5.68 5.07
C2 DAO B . -2.22 7.11 4.62
C3 DAO B . -2.78 7.54 3.26
C4 DAO B . -4.32 7.36 3.10
C5 DAO B . -5.09 8.49 2.39
C6 DAO B . -5.23 8.30 0.86
C7 DAO B . -6.20 9.32 0.24
C8 DAO B . -6.53 9.02 -1.23
C9 DAO B . -7.51 10.05 -1.83
C10 DAO B . -7.93 9.70 -3.27
C11 DAO B . -8.91 10.72 -3.90
C12 DAO B . -8.25 12.06 -4.29
H21 DAO B . -2.56 7.81 5.41
H22 DAO B . -1.12 7.19 4.62
H31 DAO B . -2.50 8.59 3.06
H32 DAO B . -2.29 6.96 2.46
H41 DAO B . -4.47 6.40 2.57
H42 DAO B . -4.76 7.21 4.09
H51 DAO B . -4.66 9.48 2.63
H52 DAO B . -6.11 8.51 2.82
H61 DAO B . -4.24 8.38 0.39
H62 DAO B . -5.59 7.27 0.65
H71 DAO B . -7.14 9.34 0.82
H72 DAO B . -5.77 10.34 0.34
H81 DAO B . -5.60 8.99 -1.83
H82 DAO B . -6.97 8.00 -1.30
H91 DAO B . -7.05 11.06 -1.79
H92 DAO B . -8.41 10.12 -1.19
H101 DAO B . -7.04 9.59 -3.91
H102 DAO B . -8.42 8.71 -3.27
H111 DAO B . -9.35 10.27 -4.80
H112 DAO B . -9.76 10.91 -3.23
H121 DAO B . -7.41 11.91 -5.00
H122 DAO B . -8.98 12.73 -4.78
H123 DAO B . -7.85 12.60 -3.43
N PHE A 1 -3.53 5.51 6.70
CA PHE A 1 -3.75 4.15 7.30
C PHE A 1 -4.13 2.90 6.44
N GLN A 2 -4.88 3.08 5.34
CA GLN A 2 -5.24 2.00 4.38
C GLN A 2 -4.08 1.33 3.58
N TRP A 3 -3.02 2.08 3.21
CA TRP A 3 -1.84 1.53 2.48
C TRP A 3 -0.44 2.17 2.78
N GLN A 4 -0.28 2.95 3.85
CA GLN A 4 1.02 3.52 4.34
C GLN A 4 2.34 2.70 4.17
N ARG A 5 2.32 1.38 4.43
CA ARG A 5 3.41 0.46 4.00
C ARG A 5 2.86 -0.73 3.12
N ASN A 6 2.10 -0.43 2.03
CA ASN A 6 1.47 -1.46 1.14
C ASN A 6 1.05 -0.91 -0.28
N ILE A 7 1.89 -0.13 -0.98
CA ILE A 7 1.62 0.32 -2.40
C ILE A 7 2.27 -0.59 -3.50
N ARG A 8 3.30 -1.40 -3.21
CA ARG A 8 3.80 -2.40 -4.20
C ARG A 8 2.92 -3.68 -4.40
N LYS A 9 2.03 -4.04 -3.45
CA LYS A 9 0.82 -4.85 -3.77
C LYS A 9 -0.28 -4.11 -4.63
N VAL A 10 -0.63 -2.84 -4.33
CA VAL A 10 -1.56 -2.03 -5.18
C VAL A 10 -0.74 -1.28 -6.28
N ARG A 11 -0.23 -2.03 -7.29
CA ARG A 11 0.74 -1.50 -8.29
C ARG A 11 0.17 -0.48 -9.35
N NH2 A 12 -0.99 -0.70 -9.95
HN1 NH2 A 12 -1.28 0.08 -10.56
HN2 NH2 A 12 -1.56 -1.45 -9.56
O1 DAO B . -2.38 4.60 4.58
C1 DAO B . -2.70 5.59 5.22
C2 DAO B . -2.47 7.01 4.67
C3 DAO B . -2.72 7.17 3.15
C4 DAO B . -4.19 6.97 2.69
C5 DAO B . -4.96 8.23 2.27
C6 DAO B . -5.18 9.30 3.37
C7 DAO B . -6.06 8.86 4.55
C8 DAO B . -6.22 9.96 5.62
C9 DAO B . -7.29 11.02 5.27
C10 DAO B . -7.20 12.32 6.12
C11 DAO B . -7.36 12.18 7.65
C12 DAO B . -8.76 11.74 8.10
H21 DAO B . -3.09 7.73 5.24
H22 DAO B . -1.42 7.28 4.90
H31 DAO B . -2.34 8.15 2.80
H32 DAO B . -2.08 6.43 2.64
H41 DAO B . -4.18 6.27 1.83
H42 DAO B . -4.76 6.43 3.47
H51 DAO B . -5.94 7.93 1.86
H52 DAO B . -4.43 8.70 1.42
H61 DAO B . -4.20 9.66 3.73
H62 DAO B . -5.63 10.19 2.88
H71 DAO B . -7.05 8.50 4.20
H72 DAO B . -5.59 7.98 5.04
H81 DAO B . -6.50 9.49 6.59
H82 DAO B . -5.24 10.44 5.82
H91 DAO B . -8.30 10.59 5.36
H92 DAO B . -7.19 11.31 4.21
H101 DAO B . -6.22 12.80 5.91
H102 DAO B . -7.95 13.04 5.74
H111 DAO B . -6.60 11.48 8.05
H112 DAO B . -7.13 13.15 8.12
H121 DAO B . -9.01 10.73 7.71
H122 DAO B . -8.83 11.70 9.20
H123 DAO B . -9.54 12.44 7.74
N PHE A 1 -3.50 6.16 6.44
CA PHE A 1 -3.99 4.97 7.24
C PHE A 1 -4.37 3.68 6.42
N GLN A 2 -5.02 3.88 5.27
CA GLN A 2 -5.39 2.82 4.31
C GLN A 2 -4.25 1.97 3.68
N TRP A 3 -3.04 2.53 3.48
CA TRP A 3 -1.95 1.82 2.77
C TRP A 3 -0.48 2.23 3.11
N GLN A 4 -0.15 2.74 4.32
CA GLN A 4 1.26 3.19 4.65
C GLN A 4 2.48 2.22 4.35
N ARG A 5 2.22 0.90 4.37
CA ARG A 5 3.15 -0.16 3.91
C ARG A 5 2.61 -1.08 2.76
N ASN A 6 1.66 -0.64 1.91
CA ASN A 6 1.02 -1.49 0.86
C ASN A 6 0.69 -0.68 -0.45
N ILE A 7 1.71 -0.30 -1.24
CA ILE A 7 1.50 0.42 -2.56
C ILE A 7 2.05 -0.39 -3.77
N ARG A 8 3.29 -0.93 -3.72
CA ARG A 8 3.83 -1.79 -4.80
C ARG A 8 3.18 -3.21 -4.89
N LYS A 9 2.74 -3.82 -3.76
CA LYS A 9 1.74 -4.93 -3.79
C LYS A 9 0.28 -4.56 -4.22
N VAL A 10 -0.21 -3.33 -3.97
CA VAL A 10 -1.50 -2.80 -4.53
C VAL A 10 -1.18 -1.98 -5.83
N ARG A 11 -0.70 -2.64 -6.91
CA ARG A 11 0.00 -1.94 -8.02
C ARG A 11 -0.93 -1.26 -9.07
N NH2 A 12 -1.93 -1.93 -9.63
HN1 NH2 A 12 -2.51 -1.34 -10.22
HN2 NH2 A 12 -2.18 -2.82 -9.19
O1 DAO B . -1.82 4.81 5.21
C1 DAO B . -2.22 5.93 5.53
C2 DAO B . -1.59 7.21 4.98
C3 DAO B . -1.78 7.36 3.45
C4 DAO B . -3.22 7.59 2.95
C5 DAO B . -3.55 9.03 2.52
C6 DAO B . -3.81 10.00 3.68
C7 DAO B . -4.10 11.44 3.19
C8 DAO B . -4.45 12.43 4.32
C9 DAO B . -5.86 12.28 4.95
C10 DAO B . -7.02 12.72 4.04
C11 DAO B . -8.39 12.63 4.71
C12 DAO B . -9.53 13.10 3.80
H21 DAO B . -1.99 8.10 5.50
H22 DAO B . -0.52 7.17 5.22
H31 DAO B . -1.10 8.15 3.06
H32 DAO B . -1.38 6.43 2.98
H41 DAO B . -3.38 6.93 2.07
H42 DAO B . -3.97 7.24 3.68
H51 DAO B . -4.44 9.01 1.87
H52 DAO B . -2.74 9.42 1.86
H61 DAO B . -4.66 9.62 4.29
H62 DAO B . -2.93 10.02 4.37
H71 DAO B . -3.22 11.81 2.65
H72 DAO B . -4.91 11.42 2.44
H81 DAO B . -3.69 12.35 5.12
H82 DAO B . -4.34 13.46 3.94
H91 DAO B . -5.89 12.89 5.88
H92 DAO B . -6.02 11.24 5.30
H101 DAO B . -6.84 13.76 3.68
H102 DAO B . -7.02 12.10 3.11
H111 DAO B . -8.58 11.59 5.05
H112 DAO B . -8.39 13.24 5.64
H121 DAO B . -10.50 13.03 4.30
H122 DAO B . -9.40 14.14 3.48
H123 DAO B . -9.59 12.48 2.87
N PHE A 1 -3.45 5.63 6.80
CA PHE A 1 -3.75 4.26 7.35
C PHE A 1 -4.21 3.07 6.42
N GLN A 2 -4.91 3.35 5.32
CA GLN A 2 -5.33 2.35 4.30
C GLN A 2 -4.20 1.62 3.51
N TRP A 3 -3.07 2.28 3.22
CA TRP A 3 -1.92 1.66 2.51
C TRP A 3 -0.48 2.19 2.87
N GLN A 4 -0.29 2.92 3.97
CA GLN A 4 1.04 3.38 4.51
C GLN A 4 2.32 2.49 4.31
N ARG A 5 2.22 1.16 4.49
CA ARG A 5 3.28 0.21 4.07
C ARG A 5 2.84 -0.84 2.98
N ASN A 6 1.93 -0.48 2.03
CA ASN A 6 1.36 -1.42 1.02
C ASN A 6 0.98 -0.69 -0.33
N ILE A 7 1.97 -0.17 -1.08
CA ILE A 7 1.75 0.42 -2.45
C ILE A 7 2.37 -0.40 -3.64
N ARG A 8 3.30 -1.31 -3.39
CA ARG A 8 3.90 -2.19 -4.44
C ARG A 8 2.97 -3.39 -4.82
N LYS A 9 2.34 -4.08 -3.83
CA LYS A 9 1.22 -5.01 -4.09
C LYS A 9 -0.14 -4.38 -4.56
N VAL A 10 -0.56 -3.23 -3.99
CA VAL A 10 -1.66 -2.39 -4.58
C VAL A 10 -1.04 -1.43 -5.65
N ARG A 11 -0.68 -1.98 -6.82
CA ARG A 11 0.25 -1.32 -7.78
C ARG A 11 -0.36 -0.15 -8.63
N NH2 A 12 -1.50 -0.31 -9.28
HN1 NH2 A 12 -1.80 0.53 -9.79
HN2 NH2 A 12 -2.05 -1.15 -9.06
O1 DAO B . -2.22 4.71 4.76
C1 DAO B . -2.52 5.70 5.42
C2 DAO B . -2.15 7.12 4.96
C3 DAO B . -2.32 7.34 3.44
C4 DAO B . -3.78 7.29 2.92
C5 DAO B . -4.56 8.61 2.86
C6 DAO B . -4.02 9.64 1.82
C7 DAO B . -5.13 10.24 0.92
C8 DAO B . -4.76 11.58 0.25
C9 DAO B . -4.94 12.79 1.18
C10 DAO B . -4.65 14.14 0.49
C11 DAO B . -5.03 15.37 1.34
C12 DAO B . -4.13 15.60 2.57
H21 DAO B . -2.73 7.86 5.52
H22 DAO B . -1.10 7.29 5.24
H31 DAO B . -1.84 8.30 3.13
H32 DAO B . -1.73 6.56 2.92
H41 DAO B . -3.78 6.82 1.92
H42 DAO B . -4.34 6.59 3.55
H51 DAO B . -4.60 9.07 3.86
H52 DAO B . -5.61 8.35 2.62
H61 DAO B . -3.50 10.44 2.38
H62 DAO B . -3.25 9.19 1.17
H71 DAO B . -5.38 9.49 0.15
H72 DAO B . -6.08 10.37 1.50
H81 DAO B . -3.72 11.54 -0.14
H82 DAO B . -5.39 11.71 -0.65
H91 DAO B . -4.31 12.68 2.07
H92 DAO B . -5.98 12.79 1.56
H101 DAO B . -3.59 14.19 0.20
H102 DAO B . -5.22 14.19 -0.46
H111 DAO B . -4.98 16.28 0.70
H112 DAO B . -6.09 15.30 1.66
H121 DAO B . -3.07 15.71 2.29
H122 DAO B . -4.44 16.51 3.12
H123 DAO B . -4.20 14.76 3.28
N PHE A 1 -4.07 5.77 5.87
CA PHE A 1 -4.22 4.67 6.89
C PHE A 1 -4.55 3.25 6.31
N GLN A 2 -5.26 3.23 5.17
CA GLN A 2 -5.45 2.06 4.29
C GLN A 2 -4.18 1.34 3.74
N TRP A 3 -3.08 2.06 3.44
CA TRP A 3 -1.90 1.46 2.79
C TRP A 3 -0.51 2.12 3.06
N GLN A 4 -0.24 2.77 4.22
CA GLN A 4 1.04 3.53 4.45
C GLN A 4 2.40 2.82 4.10
N ARG A 5 2.48 1.51 4.36
CA ARG A 5 3.61 0.63 3.97
C ARG A 5 3.21 -0.50 2.92
N ASN A 6 2.16 -0.32 2.08
CA ASN A 6 1.61 -1.41 1.22
C ASN A 6 1.12 -0.92 -0.19
N ILE A 7 1.97 -0.24 -0.98
CA ILE A 7 1.63 0.19 -2.37
C ILE A 7 2.23 -0.74 -3.49
N ARG A 8 3.31 -1.50 -3.23
CA ARG A 8 3.79 -2.55 -4.18
C ARG A 8 2.92 -3.87 -4.23
N LYS A 9 1.85 -3.98 -3.42
CA LYS A 9 0.64 -4.77 -3.76
C LYS A 9 -0.28 -4.07 -4.83
N VAL A 10 -0.68 -2.79 -4.63
CA VAL A 10 -1.54 -2.02 -5.58
C VAL A 10 -0.63 -1.36 -6.67
N ARG A 11 -0.19 -2.18 -7.65
CA ARG A 11 0.86 -1.77 -8.62
C ARG A 11 0.28 -0.91 -9.80
N NH2 A 12 0.39 0.40 -9.74
HN1 NH2 A 12 -0.08 0.87 -10.53
HN2 NH2 A 12 0.62 0.81 -8.83
O1 DAO B . -2.17 4.66 4.82
C1 DAO B . -2.76 5.71 5.07
C2 DAO B . -2.28 7.04 4.49
C3 DAO B . -2.49 7.14 2.97
C4 DAO B . -3.97 7.26 2.50
C5 DAO B . -4.24 8.51 1.64
C6 DAO B . -4.43 9.79 2.47
C7 DAO B . -4.18 11.09 1.67
C8 DAO B . -2.68 11.47 1.58
C9 DAO B . -2.38 12.69 0.69
C10 DAO B . -2.40 12.38 -0.82
C11 DAO B . -1.97 13.58 -1.67
C12 DAO B . -1.94 13.25 -3.16
H21 DAO B . -2.76 7.90 5.00
H22 DAO B . -1.21 7.14 4.71
H31 DAO B . -1.88 7.98 2.57
H32 DAO B . -2.04 6.25 2.50
H41 DAO B . -4.20 6.36 1.90
H42 DAO B . -4.68 7.21 3.35
H51 DAO B . -5.16 8.35 1.02
H52 DAO B . -3.44 8.63 0.89
H61 DAO B . -5.45 9.80 2.89
H62 DAO B . -3.77 9.78 3.36
H71 DAO B . -4.63 11.01 0.66
H72 DAO B . -4.73 11.93 2.16
H81 DAO B . -2.32 11.68 2.61
H82 DAO B . -2.08 10.60 1.24
H91 DAO B . -1.37 13.07 0.97
H92 DAO B . -3.08 13.52 0.93
H101 DAO B . -1.73 11.53 -1.03
H102 DAO B . -3.41 12.05 -1.12
H111 DAO B . -2.66 14.44 -1.49
H112 DAO B . -0.97 13.94 -1.35
H121 DAO B . -2.93 12.95 -3.54
H122 DAO B . -1.62 14.13 -3.76
H123 DAO B . -1.23 12.43 -3.39
N PHE A 1 -3.61 5.61 6.42
CA PHE A 1 -3.79 4.26 7.05
C PHE A 1 -4.29 3.03 6.22
N GLN A 2 -5.01 3.24 5.13
CA GLN A 2 -5.38 2.19 4.14
C GLN A 2 -4.20 1.47 3.41
N TRP A 3 -3.05 2.14 3.20
CA TRP A 3 -1.86 1.54 2.54
C TRP A 3 -0.48 2.15 2.96
N GLN A 4 -0.28 2.62 4.20
CA GLN A 4 0.98 3.34 4.61
C GLN A 4 2.35 2.58 4.48
N ARG A 5 2.33 1.23 4.43
CA ARG A 5 3.46 0.41 3.92
C ARG A 5 3.08 -0.58 2.75
N ASN A 6 2.03 -0.31 1.93
CA ASN A 6 1.48 -1.32 0.97
C ASN A 6 1.01 -0.73 -0.41
N ILE A 7 1.94 -0.10 -1.15
CA ILE A 7 1.70 0.34 -2.57
C ILE A 7 2.37 -0.56 -3.66
N ARG A 8 3.35 -1.41 -3.33
CA ARG A 8 3.91 -2.42 -4.27
C ARG A 8 2.93 -3.61 -4.57
N LYS A 9 2.16 -4.10 -3.57
CA LYS A 9 0.95 -4.93 -3.84
C LYS A 9 -0.29 -4.18 -4.46
N VAL A 10 -0.62 -2.94 -4.03
CA VAL A 10 -1.66 -2.10 -4.71
C VAL A 10 -0.98 -1.31 -5.90
N ARG A 11 -0.68 -2.04 -6.99
CA ARG A 11 0.40 -1.65 -7.95
C ARG A 11 0.12 -0.42 -8.88
N NH2 A 12 -1.08 -0.22 -9.41
HN1 NH2 A 12 -1.14 0.65 -9.93
HN2 NH2 A 12 -1.83 -0.78 -9.02
O1 DAO B . -2.34 4.70 4.36
C1 DAO B . -2.71 5.69 5.00
C2 DAO B . -2.42 7.12 4.50
C3 DAO B . -2.72 7.35 3.00
C4 DAO B . -4.19 7.20 2.57
C5 DAO B . -4.91 8.48 2.11
C6 DAO B . -5.25 9.45 3.26
C7 DAO B . -6.10 10.66 2.79
C8 DAO B . -6.36 11.66 3.93
C9 DAO B . -7.24 12.87 3.55
C10 DAO B . -6.62 13.82 2.49
C11 DAO B . -7.27 15.21 2.40
C12 DAO B . -8.73 15.21 1.92
H21 DAO B . -3.00 7.85 5.11
H22 DAO B . -1.37 7.34 4.70
H31 DAO B . -2.31 8.34 2.68
H32 DAO B . -2.12 6.62 2.43
H41 DAO B . -4.24 6.48 1.73
H42 DAO B . -4.79 6.73 3.37
H51 DAO B . -5.85 8.20 1.60
H52 DAO B . -4.30 9.01 1.34
H61 DAO B . -5.81 8.91 4.06
H62 DAO B . -4.32 9.81 3.74
H71 DAO B . -5.57 11.17 1.96
H72 DAO B . -7.06 10.31 2.37
H81 DAO B . -6.86 11.12 4.77
H82 DAO B . -5.40 12.02 4.35
H91 DAO B . -7.45 13.45 4.47
H92 DAO B . -8.24 12.52 3.20
H101 DAO B . -5.55 13.95 2.72
H102 DAO B . -6.64 13.33 1.50
H111 DAO B . -7.21 15.71 3.39
H112 DAO B . -6.68 15.84 1.72
H121 DAO B . -8.83 14.73 0.92
H122 DAO B . -9.40 14.67 2.62
H123 DAO B . -9.13 16.24 1.84
N PHE A 1 -3.62 6.20 5.83
CA PHE A 1 -3.73 5.07 6.82
C PHE A 1 -4.17 3.71 6.20
N GLN A 2 -5.08 3.78 5.20
CA GLN A 2 -5.39 2.71 4.24
C GLN A 2 -4.23 1.89 3.60
N TRP A 3 -3.05 2.50 3.37
CA TRP A 3 -1.91 1.82 2.71
C TRP A 3 -0.48 2.26 3.13
N GLN A 4 -0.21 2.71 4.37
CA GLN A 4 1.14 3.24 4.78
C GLN A 4 2.39 2.30 4.63
N ARG A 5 2.18 0.97 4.51
CA ARG A 5 3.22 0.00 4.06
C ARG A 5 2.87 -0.80 2.73
N ASN A 6 1.78 -0.50 1.99
CA ASN A 6 1.23 -1.41 0.94
C ASN A 6 0.84 -0.65 -0.38
N ILE A 7 1.84 -0.28 -1.20
CA ILE A 7 1.59 0.39 -2.53
C ILE A 7 2.09 -0.48 -3.74
N ARG A 8 3.28 -1.10 -3.67
CA ARG A 8 3.81 -1.93 -4.79
C ARG A 8 3.15 -3.34 -4.94
N LYS A 9 2.62 -3.96 -3.87
CA LYS A 9 1.57 -5.00 -3.99
C LYS A 9 0.14 -4.52 -4.45
N VAL A 10 -0.33 -3.33 -4.03
CA VAL A 10 -1.60 -2.72 -4.55
C VAL A 10 -1.27 -1.90 -5.86
N ARG A 11 -0.92 -2.61 -6.95
CA ARG A 11 -0.08 -2.03 -8.04
C ARG A 11 -0.86 -1.27 -9.15
N NH2 A 12 -1.95 -1.78 -9.70
HN1 NH2 A 12 -2.38 -1.16 -10.40
HN2 NH2 A 12 -2.36 -2.59 -9.23
O1 DAO B . -1.80 5.16 4.50
C1 DAO B . -2.33 6.19 4.90
C2 DAO B . -1.86 7.57 4.46
C3 DAO B . -2.18 7.89 2.98
C4 DAO B . -3.67 7.84 2.56
C5 DAO B . -4.25 9.11 1.91
C6 DAO B . -4.79 10.19 2.88
C7 DAO B . -3.73 11.05 3.57
C8 DAO B . -4.36 12.18 4.43
C9 DAO B . -3.33 13.13 5.06
C10 DAO B . -2.62 12.57 6.31
C11 DAO B . -1.62 13.55 6.96
C12 DAO B . -0.30 13.69 6.18
H21 DAO B . -2.29 8.36 5.11
H22 DAO B . -0.77 7.63 4.62
H31 DAO B . -1.74 8.87 2.70
H32 DAO B . -1.64 7.17 2.36
H41 DAO B . -3.79 7.00 1.85
H42 DAO B . -4.32 7.54 3.41
H51 DAO B . -5.10 8.80 1.27
H52 DAO B . -3.52 9.55 1.20
H61 DAO B . -5.47 10.85 2.31
H62 DAO B . -5.44 9.70 3.64
H71 DAO B . -3.08 10.42 4.22
H72 DAO B . -3.06 11.49 2.81
H81 DAO B . -5.03 12.77 3.78
H82 DAO B . -5.02 11.75 5.20
H91 DAO B . -3.86 14.07 5.35
H92 DAO B . -2.59 13.45 4.31
H101 DAO B . -3.39 12.30 7.07
H102 DAO B . -2.12 11.62 6.07
H111 DAO B . -2.09 14.54 7.10
H112 DAO B . -1.39 13.20 7.98
H121 DAO B . -0.45 14.09 5.16
H122 DAO B . 0.39 14.39 6.69
H123 DAO B . 0.22 12.72 6.08
N PHE A 1 -3.32 6.05 6.70
CA PHE A 1 -3.88 4.81 7.37
C PHE A 1 -4.59 3.68 6.55
N GLN A 2 -5.03 3.96 5.32
CA GLN A 2 -5.49 2.94 4.35
C GLN A 2 -4.39 2.01 3.72
N TRP A 3 -3.15 2.49 3.52
CA TRP A 3 -2.09 1.69 2.84
C TRP A 3 -0.61 2.07 3.17
N GLN A 4 -0.26 2.60 4.36
CA GLN A 4 1.10 3.17 4.66
C GLN A 4 2.38 2.35 4.25
N ARG A 5 2.33 1.02 4.43
CA ARG A 5 3.36 0.05 3.93
C ARG A 5 2.92 -0.86 2.72
N ASN A 6 1.84 -0.54 1.97
CA ASN A 6 1.23 -1.46 0.96
C ASN A 6 0.82 -0.74 -0.35
N ILE A 7 1.81 -0.34 -1.19
CA ILE A 7 1.54 0.32 -2.51
C ILE A 7 2.12 -0.49 -3.72
N ARG A 8 3.34 -1.08 -3.61
CA ARG A 8 3.91 -1.92 -4.70
C ARG A 8 3.27 -3.34 -4.87
N LYS A 9 2.63 -3.91 -3.83
CA LYS A 9 1.59 -4.96 -3.99
C LYS A 9 0.20 -4.47 -4.54
N VAL A 10 -0.34 -3.32 -4.08
CA VAL A 10 -1.59 -2.71 -4.65
C VAL A 10 -1.20 -1.85 -5.91
N ARG A 11 -0.83 -2.55 -7.01
CA ARG A 11 0.04 -1.95 -8.06
C ARG A 11 -0.71 -1.13 -9.17
N NH2 A 12 -1.78 -1.60 -9.77
HN1 NH2 A 12 -2.18 -0.95 -10.46
HN2 NH2 A 12 -2.21 -2.43 -9.35
O1 DAO B . -1.98 4.70 5.06
C1 DAO B . -2.25 5.80 5.52
C2 DAO B . -1.63 7.08 4.93
C3 DAO B . -2.01 7.31 3.44
C4 DAO B . -3.47 7.74 3.18
C5 DAO B . -3.72 9.27 3.11
C6 DAO B . -3.48 9.89 1.70
C7 DAO B . -2.12 10.61 1.53
C8 DAO B . -1.92 11.07 0.07
C9 DAO B . -0.68 11.96 -0.16
C10 DAO B . -0.86 13.42 0.30
C11 DAO B . 0.29 14.33 -0.15
C12 DAO B . 0.08 15.79 0.29
H21 DAO B . -1.89 7.96 5.53
H22 DAO B . -0.53 6.98 5.01
H31 DAO B . -1.30 8.03 2.98
H32 DAO B . -1.83 6.36 2.91
H41 DAO B . -3.81 7.27 2.25
H42 DAO B . -4.13 7.31 3.96
H51 DAO B . -3.16 9.81 3.89
H52 DAO B . -4.78 9.44 3.36
H61 DAO B . -3.62 9.13 0.92
H62 DAO B . -4.28 10.64 1.51
H71 DAO B . -2.07 11.47 2.22
H72 DAO B . -1.30 9.94 1.82
H81 DAO B . -1.83 10.17 -0.58
H82 DAO B . -2.82 11.60 -0.30
H91 DAO B . -0.46 11.96 -1.25
H92 DAO B . 0.21 11.51 0.30
H101 DAO B . -1.81 13.82 -0.09
H102 DAO B . -0.95 13.45 1.41
H111 DAO B . 1.26 13.96 0.25
H112 DAO B . 0.40 14.30 -1.25
H121 DAO B . 0.04 15.89 1.40
H122 DAO B . 0.91 16.44 -0.06
H123 DAO B . -0.86 16.21 -0.11
N PHE A 1 -3.39 5.55 6.88
CA PHE A 1 -3.74 4.19 7.42
C PHE A 1 -4.16 2.99 6.50
N GLN A 2 -4.87 3.24 5.40
CA GLN A 2 -5.29 2.23 4.40
C GLN A 2 -4.16 1.53 3.58
N TRP A 3 -3.05 2.23 3.28
CA TRP A 3 -1.89 1.64 2.53
C TRP A 3 -0.47 2.21 2.86
N GLN A 4 -0.27 2.93 3.97
CA GLN A 4 1.05 3.43 4.47
C GLN A 4 2.34 2.58 4.27
N ARG A 5 2.28 1.25 4.45
CA ARG A 5 3.36 0.33 4.04
C ARG A 5 2.92 -0.74 2.96
N ASN A 6 2.04 -0.40 1.99
CA ASN A 6 1.35 -1.40 1.10
C ASN A 6 0.96 -0.87 -0.34
N ILE A 7 1.82 -0.10 -1.02
CA ILE A 7 1.58 0.37 -2.44
C ILE A 7 2.28 -0.51 -3.54
N ARG A 8 3.25 -1.37 -3.21
CA ARG A 8 3.88 -2.29 -4.21
C ARG A 8 2.96 -3.49 -4.61
N LYS A 9 2.20 -4.09 -3.67
CA LYS A 9 1.06 -5.00 -3.98
C LYS A 9 -0.19 -4.31 -4.64
N VAL A 10 -0.57 -3.07 -4.26
CA VAL A 10 -1.57 -2.25 -5.02
C VAL A 10 -0.80 -1.47 -6.16
N ARG A 11 -0.33 -2.18 -7.20
CA ARG A 11 0.72 -1.65 -8.11
C ARG A 11 0.13 -0.68 -9.20
N NH2 A 12 0.33 0.61 -9.06
HN1 NH2 A 12 -0.16 1.10 -9.82
HN2 NH2 A 12 0.55 0.94 -8.12
O1 DAO B . -2.25 4.64 4.84
C1 DAO B . -2.54 5.63 5.51
C2 DAO B . -2.19 7.04 5.04
C3 DAO B . -2.29 7.25 3.50
C4 DAO B . -3.71 7.14 2.90
C5 DAO B . -4.55 8.43 2.96
C6 DAO B . -5.55 8.50 1.78
C7 DAO B . -6.60 9.62 1.92
C8 DAO B . -7.37 9.86 0.60
C9 DAO B . -8.57 10.81 0.79
C10 DAO B . -9.22 11.28 -0.54
C11 DAO B . -8.80 12.68 -1.02
C12 DAO B . -7.35 12.81 -1.48
H21 DAO B . -2.84 7.79 5.55
H22 DAO B . -1.17 7.27 5.37
H31 DAO B . -1.82 8.20 3.22
H32 DAO B . -1.65 6.48 3.02
H41 DAO B . -3.59 6.82 1.86
H42 DAO B . -4.25 6.32 3.38
H51 DAO B . -3.92 9.33 2.94
H52 DAO B . -5.09 8.47 3.93
H61 DAO B . -4.98 8.63 0.84
H62 DAO B . -6.08 7.53 1.65
H71 DAO B . -7.31 9.36 2.74
H72 DAO B . -6.12 10.56 2.24
H81 DAO B . -6.68 10.27 -0.15
H82 DAO B . -7.73 8.91 0.19
H91 DAO B . -8.29 11.69 1.40
H92 DAO B . -9.34 10.29 1.40
H101 DAO B . -9.05 10.53 -1.34
H102 DAO B . -10.31 11.29 -0.40
H111 DAO B . -9.45 12.98 -1.87
H112 DAO B . -9.01 13.43 -0.23
H121 DAO B . -7.13 13.83 -1.85
H122 DAO B . -6.63 12.62 -0.65
H123 DAO B . -7.10 12.10 -2.29
N PHE A 1 -2.66 6.21 6.73
CA PHE A 1 -3.20 4.93 7.30
C PHE A 1 -4.00 3.92 6.41
N GLN A 2 -4.63 4.39 5.33
CA GLN A 2 -5.26 3.53 4.28
C GLN A 2 -4.32 2.53 3.53
N TRP A 3 -3.01 2.83 3.41
CA TRP A 3 -2.02 1.99 2.71
C TRP A 3 -0.52 2.16 3.16
N GLN A 4 -0.20 2.51 4.42
CA GLN A 4 1.20 2.85 4.84
C GLN A 4 2.33 1.77 4.66
N ARG A 5 1.96 0.49 4.47
CA ARG A 5 2.87 -0.58 3.97
C ARG A 5 2.35 -1.34 2.69
N ASN A 6 1.52 -0.73 1.81
CA ASN A 6 0.80 -1.46 0.72
C ASN A 6 0.55 -0.57 -0.57
N ILE A 7 1.55 -0.38 -1.45
CA ILE A 7 1.38 0.48 -2.69
C ILE A 7 1.80 -0.27 -3.98
N ARG A 8 3.09 -0.61 -4.17
CA ARG A 8 3.56 -1.37 -5.36
C ARG A 8 3.27 -2.91 -5.28
N LYS A 9 3.20 -3.48 -4.07
CA LYS A 9 2.45 -4.74 -3.81
C LYS A 9 0.90 -4.69 -4.04
N VAL A 10 0.16 -3.67 -3.53
CA VAL A 10 -1.31 -3.51 -3.80
C VAL A 10 -1.46 -2.56 -5.04
N ARG A 11 -1.19 -3.10 -6.24
CA ARG A 11 -0.84 -2.26 -7.42
C ARG A 11 -2.05 -1.68 -8.23
N NH2 A 12 -3.10 -2.42 -8.53
HN1 NH2 A 12 -3.82 -1.92 -9.03
HN2 NH2 A 12 -3.17 -3.31 -8.03
O1 DAO B . -1.67 5.07 4.42
C1 DAO B . -1.65 6.06 5.15
C2 DAO B . -0.83 7.29 4.77
C3 DAO B . -1.32 8.04 3.49
C4 DAO B . -2.76 8.57 3.56
C5 DAO B . -3.04 9.85 2.73
C6 DAO B . -3.07 9.64 1.20
C7 DAO B . -3.42 10.90 0.40
C8 DAO B . -2.23 11.86 0.16
C9 DAO B . -2.61 13.14 -0.62
C10 DAO B . -3.06 14.33 0.26
C11 DAO B . -1.91 15.14 0.90
C12 DAO B . -1.16 16.05 -0.07
H21 DAO B . -0.82 8.00 5.63
H22 DAO B . 0.21 6.98 4.64
H31 DAO B . -0.60 8.86 3.28
H32 DAO B . -1.25 7.36 2.63
H41 DAO B . -3.43 7.76 3.23
H42 DAO B . -3.03 8.76 4.61
H51 DAO B . -2.30 10.63 3.00
H52 DAO B . -4.02 10.26 3.05
H61 DAO B . -2.10 9.23 0.86
H62 DAO B . -3.81 8.85 0.97
H71 DAO B . -3.82 10.59 -0.58
H72 DAO B . -4.25 11.44 0.89
H81 DAO B . -1.73 12.12 1.11
H82 DAO B . -1.46 11.31 -0.41
H91 DAO B . -3.40 12.91 -1.35
H92 DAO B . -1.75 13.45 -1.24
H101 DAO B . -3.68 15.01 -0.35
H102 DAO B . -3.74 13.97 1.05
H111 DAO B . -2.34 15.78 1.71
H112 DAO B . -1.21 14.47 1.42
H121 DAO B . -0.66 15.47 -0.87
H122 DAO B . -1.83 16.77 -0.56
H123 DAO B . -0.37 16.64 0.44
N PHE A 1 -2.87 6.06 6.71
CA PHE A 1 -3.32 4.77 7.32
C PHE A 1 -4.08 3.67 6.50
N GLN A 2 -4.75 4.05 5.39
CA GLN A 2 -5.35 3.09 4.41
C GLN A 2 -4.34 2.18 3.64
N TRP A 3 -3.09 2.61 3.42
CA TRP A 3 -2.05 1.81 2.74
C TRP A 3 -0.56 2.15 3.13
N GLN A 4 -0.25 2.53 4.39
CA GLN A 4 1.11 3.04 4.76
C GLN A 4 2.35 2.10 4.55
N ARG A 5 2.14 0.78 4.43
CA ARG A 5 3.13 -0.17 3.85
C ARG A 5 2.61 -1.03 2.64
N ASN A 6 1.63 -0.57 1.81
CA ASN A 6 1.00 -1.42 0.76
C ASN A 6 0.68 -0.59 -0.55
N ILE A 7 1.70 -0.27 -1.37
CA ILE A 7 1.51 0.46 -2.69
C ILE A 7 2.12 -0.29 -3.91
N ARG A 8 3.30 -0.92 -3.78
CA ARG A 8 3.89 -1.77 -4.85
C ARG A 8 3.19 -3.16 -4.97
N LYS A 9 2.83 -3.81 -3.84
CA LYS A 9 1.88 -4.96 -3.84
C LYS A 9 0.40 -4.65 -4.25
N VAL A 10 -0.18 -3.50 -3.83
CA VAL A 10 -1.50 -3.01 -4.31
C VAL A 10 -1.22 -2.02 -5.50
N ARG A 11 -0.82 -2.54 -6.68
CA ARG A 11 -0.18 -1.71 -7.73
C ARG A 11 -1.22 -0.94 -8.60
N NH2 A 12 -1.41 0.33 -8.39
HN1 NH2 A 12 -2.18 0.65 -8.98
HN2 NH2 A 12 -1.15 0.67 -7.46
O1 DAO B . -1.87 4.98 4.63
C1 DAO B . -2.03 6.01 5.28
C2 DAO B . -1.51 7.37 4.79
C3 DAO B . -1.83 7.68 3.31
C4 DAO B . -3.32 7.87 2.98
C5 DAO B . -3.79 9.34 2.84
C6 DAO B . -5.32 9.40 2.63
C7 DAO B . -5.89 10.77 2.24
C8 DAO B . -5.65 11.15 0.76
C9 DAO B . -6.65 12.18 0.20
C10 DAO B . -6.45 13.63 0.69
C11 DAO B . -7.55 14.57 0.16
C12 DAO B . -7.29 16.04 0.53
H21 DAO B . -1.88 8.18 5.43
H22 DAO B . -0.41 7.37 4.93
H31 DAO B . -1.23 8.53 2.95
H32 DAO B . -1.46 6.82 2.73
H41 DAO B . -3.53 7.36 2.02
H42 DAO B . -3.94 7.35 3.73
H51 DAO B . -3.26 9.82 2.00
H52 DAO B . -3.51 9.93 3.74
H61 DAO B . -5.62 8.65 1.87
H62 DAO B . -5.81 9.06 3.56
H71 DAO B . -6.99 10.73 2.42
H72 DAO B . -5.52 11.56 2.91
H81 DAO B . -4.61 11.50 0.62
H82 DAO B . -5.73 10.25 0.14
H91 DAO B . -7.69 11.85 0.41
H92 DAO B . -6.58 12.18 -0.90
H101 DAO B . -6.43 13.66 1.80
H102 DAO B . -5.45 13.99 0.37
H111 DAO B . -7.63 14.49 -0.94
H112 DAO B . -8.53 14.26 0.56
H121 DAO B . -7.21 16.18 1.64
H122 DAO B . -6.36 16.42 0.09
H123 DAO B . -8.11 16.69 0.18
N PHE A 1 -3.44 5.64 6.81
CA PHE A 1 -3.78 4.27 7.36
C PHE A 1 -4.21 3.08 6.44
N GLN A 2 -4.93 3.33 5.34
CA GLN A 2 -5.34 2.30 4.35
C GLN A 2 -4.21 1.57 3.56
N TRP A 3 -3.08 2.24 3.27
CA TRP A 3 -1.92 1.61 2.58
C TRP A 3 -0.50 2.15 2.92
N GLN A 4 -0.31 2.91 4.02
CA GLN A 4 1.00 3.40 4.54
C GLN A 4 2.32 2.58 4.31
N ARG A 5 2.29 1.24 4.50
CA ARG A 5 3.42 0.35 4.08
C ARG A 5 3.03 -0.72 2.99
N ASN A 6 2.11 -0.42 2.05
CA ASN A 6 1.47 -1.43 1.15
C ASN A 6 1.04 -0.86 -0.25
N ILE A 7 1.97 -0.27 -1.03
CA ILE A 7 1.66 0.30 -2.39
C ILE A 7 2.16 -0.59 -3.57
N ARG A 8 3.34 -1.24 -3.45
CA ARG A 8 3.81 -2.24 -4.45
C ARG A 8 3.01 -3.59 -4.56
N LYS A 9 2.17 -3.96 -3.56
CA LYS A 9 1.05 -4.89 -3.80
C LYS A 9 -0.20 -4.30 -4.57
N VAL A 10 -0.55 -3.01 -4.38
CA VAL A 10 -1.64 -2.32 -5.14
C VAL A 10 -0.97 -1.49 -6.30
N ARG A 11 -0.51 -2.16 -7.38
CA ARG A 11 0.21 -1.48 -8.50
C ARG A 11 -0.81 -0.77 -9.45
N NH2 A 12 -0.99 0.54 -9.35
HN1 NH2 A 12 -1.72 0.89 -9.98
HN2 NH2 A 12 -0.65 0.97 -8.49
O1 DAO B . -2.22 4.73 4.80
C1 DAO B . -2.58 5.72 5.45
C2 DAO B . -2.33 7.14 4.92
C3 DAO B . -2.41 7.30 3.39
C4 DAO B . -3.78 7.00 2.77
C5 DAO B . -4.74 8.17 2.49
C6 DAO B . -5.76 8.46 3.62
C7 DAO B . -6.96 9.32 3.15
C8 DAO B . -6.70 10.83 3.00
C9 DAO B . -6.74 11.63 4.32
C10 DAO B . -8.15 11.86 4.93
C11 DAO B . -9.04 12.89 4.22
C12 DAO B . -8.65 14.36 4.52
H21 DAO B . -3.03 7.85 5.41
H22 DAO B . -1.32 7.45 5.28
H31 DAO B . -2.06 8.31 3.08
H32 DAO B . -1.67 6.61 2.95
H41 DAO B . -3.60 6.49 1.81
H42 DAO B . -4.29 6.22 3.36
H51 DAO B . -5.30 7.92 1.57
H52 DAO B . -4.17 9.09 2.22
H61 DAO B . -6.15 7.51 4.00
H62 DAO B . -5.25 8.93 4.48
H71 DAO B . -7.34 8.92 2.18
H72 DAO B . -7.81 9.15 3.84
H81 DAO B . -5.73 11.00 2.51
H82 DAO B . -7.43 11.26 2.30
H91 DAO B . -6.26 12.62 4.17
H92 DAO B . -6.10 11.14 5.08
H101 DAO B . -8.69 10.89 4.97
H102 DAO B . -8.05 12.14 6.00
H111 DAO B . -9.04 12.72 3.12
H112 DAO B . -10.09 12.74 4.53
H121 DAO B . -9.33 15.06 4.01
H122 DAO B . -8.71 14.58 5.60
H123 DAO B . -7.63 14.59 4.19
N PHE A 1 -3.26 5.97 6.53
CA PHE A 1 -3.59 4.65 7.17
C PHE A 1 -4.21 3.49 6.34
N GLN A 2 -4.92 3.80 5.25
CA GLN A 2 -5.39 2.83 4.23
C GLN A 2 -4.30 1.97 3.51
N TRP A 3 -3.08 2.49 3.33
CA TRP A 3 -1.97 1.77 2.65
C TRP A 3 -0.51 2.17 3.06
N GLN A 4 -0.23 2.60 4.30
CA GLN A 4 1.12 3.12 4.70
C GLN A 4 2.36 2.16 4.55
N ARG A 5 2.13 0.84 4.46
CA ARG A 5 3.15 -0.15 4.00
C ARG A 5 2.82 -0.90 2.65
N ASN A 6 1.77 -0.53 1.87
CA ASN A 6 1.19 -1.41 0.81
C ASN A 6 0.83 -0.63 -0.49
N ILE A 7 1.83 -0.30 -1.33
CA ILE A 7 1.61 0.41 -2.64
C ILE A 7 2.13 -0.41 -3.86
N ARG A 8 3.37 -0.92 -3.81
CA ARG A 8 3.90 -1.89 -4.81
C ARG A 8 3.21 -3.30 -4.85
N LYS A 9 2.65 -3.79 -3.72
CA LYS A 9 1.65 -4.89 -3.76
C LYS A 9 0.17 -4.50 -4.15
N VAL A 10 -0.31 -3.28 -3.84
CA VAL A 10 -1.63 -2.77 -4.32
C VAL A 10 -1.37 -1.84 -5.56
N ARG A 11 -1.02 -2.44 -6.72
CA ARG A 11 -0.44 -1.67 -7.87
C ARG A 11 -1.48 -0.94 -8.77
N NH2 A 12 -2.57 -1.54 -9.22
HN1 NH2 A 12 -3.20 -0.92 -9.75
HN2 NH2 A 12 -2.77 -2.46 -8.82
O1 DAO B . -2.04 4.89 4.52
C1 DAO B . -2.26 5.92 5.14
C2 DAO B . -1.71 7.26 4.69
C3 DAO B . -2.05 7.63 3.22
C4 DAO B . -3.55 7.82 2.89
C5 DAO B . -3.93 9.20 2.31
C6 DAO B . -3.45 9.41 0.86
C7 DAO B . -3.57 10.85 0.33
C8 DAO B . -2.56 11.81 0.99
C9 DAO B . -2.54 13.23 0.36
C10 DAO B . -1.75 14.25 1.20
C11 DAO B . -0.23 14.00 1.29
C12 DAO B . 0.46 15.00 2.24
H21 DAO B . -2.07 8.07 5.36
H22 DAO B . -0.62 7.24 4.81
H31 DAO B . -1.47 8.54 2.94
H32 DAO B . -1.64 6.84 2.57
H41 DAO B . -3.86 7.03 2.17
H42 DAO B . -4.16 7.63 3.79
H51 DAO B . -3.53 9.99 2.98
H52 DAO B . -5.03 9.32 2.36
H61 DAO B . -2.41 9.08 0.75
H62 DAO B . -4.04 8.74 0.19
H71 DAO B . -3.41 10.85 -0.76
H72 DAO B . -4.61 11.23 0.47
H81 DAO B . -2.79 11.90 2.07
H82 DAO B . -1.55 11.37 0.93
H91 DAO B . -3.59 13.59 0.26
H92 DAO B . -2.14 13.18 -0.67
H101 DAO B . -1.93 15.26 0.78
H102 DAO B . -2.19 14.30 2.23
H111 DAO B . -0.03 12.97 1.64
H112 DAO B . 0.22 14.06 0.28
H121 DAO B . 0.33 16.04 1.90
H122 DAO B . 0.07 14.92 3.27
H123 DAO B . 1.55 14.81 2.28
N PHE A 1 -3.18 6.05 6.73
CA PHE A 1 -3.59 4.73 7.33
C PHE A 1 -4.25 3.61 6.47
N GLN A 2 -4.88 3.97 5.35
CA GLN A 2 -5.39 3.01 4.31
C GLN A 2 -4.33 2.11 3.60
N TRP A 3 -3.08 2.58 3.42
CA TRP A 3 -2.01 1.80 2.74
C TRP A 3 -0.52 2.19 3.12
N GLN A 4 -0.23 2.64 4.35
CA GLN A 4 1.14 3.14 4.72
C GLN A 4 2.38 2.18 4.57
N ARG A 5 2.14 0.85 4.47
CA ARG A 5 3.16 -0.13 4.00
C ARG A 5 2.72 -1.02 2.76
N ASN A 6 1.74 -0.59 1.92
CA ASN A 6 1.13 -1.46 0.87
C ASN A 6 0.76 -0.67 -0.43
N ILE A 7 1.76 -0.34 -1.29
CA ILE A 7 1.51 0.35 -2.60
C ILE A 7 2.04 -0.46 -3.82
N ARG A 8 3.31 -0.92 -3.79
CA ARG A 8 3.88 -1.76 -4.89
C ARG A 8 3.30 -3.22 -4.98
N LYS A 9 2.77 -3.77 -3.87
CA LYS A 9 1.80 -4.89 -3.90
C LYS A 9 0.33 -4.55 -4.34
N VAL A 10 -0.23 -3.38 -3.93
CA VAL A 10 -1.59 -2.92 -4.40
C VAL A 10 -1.39 -2.12 -5.74
N ARG A 11 -1.21 -2.86 -6.84
CA ARG A 11 -0.49 -2.33 -8.05
C ARG A 11 -1.14 -1.14 -8.83
N NH2 A 12 -2.43 -1.12 -9.09
HN1 NH2 A 12 -2.74 -0.27 -9.56
HN2 NH2 A 12 -3.00 -1.81 -8.60
O1 DAO B . -1.99 4.91 4.70
C1 DAO B . -2.19 5.95 5.31
C2 DAO B . -1.60 7.28 4.81
C3 DAO B . -1.87 7.57 3.32
C4 DAO B . -3.32 7.96 2.97
C5 DAO B . -3.53 9.42 2.47
C6 DAO B . -3.94 9.49 0.99
C7 DAO B . -3.90 10.92 0.41
C8 DAO B . -4.37 11.00 -1.05
C9 DAO B . -5.78 11.59 -1.31
C10 DAO B . -6.99 10.75 -0.85
C11 DAO B . -7.49 10.98 0.59
C12 DAO B . -8.14 12.35 0.83
H21 DAO B . -1.96 8.12 5.44
H22 DAO B . -0.51 7.24 4.99
H31 DAO B . -1.16 8.34 2.96
H32 DAO B . -1.61 6.67 2.74
H41 DAO B . -3.69 7.24 2.20
H42 DAO B . -3.99 7.77 3.83
H51 DAO B . -2.61 10.02 2.64
H52 DAO B . -4.31 9.91 3.09
H61 DAO B . -3.28 8.85 0.39
H62 DAO B . -4.95 9.06 0.87
H71 DAO B . -4.49 11.62 1.05
H72 DAO B . -2.86 11.29 0.48
H81 DAO B . -3.65 11.64 -1.60
H82 DAO B . -4.28 10.02 -1.56
H91 DAO B . -5.87 11.74 -2.40
H92 DAO B . -5.84 12.62 -0.90
H101 DAO B . -7.84 10.94 -1.54
H102 DAO B . -6.77 9.68 -1.00
H111 DAO B . -8.23 10.18 0.84
H112 DAO B . -6.67 10.82 1.31
H121 DAO B . -8.53 12.43 1.86
H122 DAO B . -7.42 13.18 0.69
H123 DAO B . -8.99 12.52 0.15
N PHE A 1 -3.91 5.83 6.26
CA PHE A 1 -4.13 4.56 7.06
C PHE A 1 -4.53 3.22 6.37
N GLN A 2 -5.16 3.28 5.19
CA GLN A 2 -5.43 2.10 4.31
C GLN A 2 -4.19 1.37 3.70
N TRP A 3 -3.09 2.08 3.40
CA TRP A 3 -1.89 1.47 2.76
C TRP A 3 -0.51 2.17 3.03
N GLN A 4 -0.28 2.82 4.20
CA GLN A 4 0.97 3.60 4.47
C GLN A 4 2.35 2.84 4.41
N ARG A 5 2.35 1.50 4.47
CA ARG A 5 3.52 0.65 4.10
C ARG A 5 3.24 -0.44 3.00
N ASN A 6 2.21 -0.28 2.12
CA ASN A 6 1.69 -1.38 1.24
C ASN A 6 1.15 -0.87 -0.14
N ILE A 7 2.03 -0.29 -0.98
CA ILE A 7 1.66 0.13 -2.39
C ILE A 7 2.27 -0.76 -3.52
N ARG A 8 3.34 -1.54 -3.25
CA ARG A 8 3.86 -2.55 -4.22
C ARG A 8 2.89 -3.75 -4.53
N LYS A 9 1.92 -4.08 -3.65
CA LYS A 9 0.74 -4.91 -4.02
C LYS A 9 -0.32 -4.18 -4.93
N VAL A 10 -0.74 -2.94 -4.59
CA VAL A 10 -1.64 -2.11 -5.47
C VAL A 10 -0.74 -1.31 -6.49
N ARG A 11 -0.14 -2.02 -7.46
CA ARG A 11 1.07 -1.52 -8.18
C ARG A 11 0.78 -0.61 -9.42
N NH2 A 12 -0.12 -0.95 -10.32
HN1 NH2 A 12 -0.25 -0.25 -11.06
HN2 NH2 A 12 -0.77 -1.69 -10.06
O1 DAO B . -2.43 4.63 4.58
C1 DAO B . -2.88 5.70 4.99
C2 DAO B . -2.53 7.01 4.28
C3 DAO B . -2.83 6.98 2.76
C4 DAO B . -4.32 7.18 2.38
C5 DAO B . -4.76 8.64 2.14
C6 DAO B . -4.25 9.28 0.82
C7 DAO B . -3.06 10.24 0.99
C8 DAO B . -2.28 10.56 -0.30
C9 DAO B . -3.00 11.43 -1.35
C10 DAO B . -3.86 10.69 -2.40
C11 DAO B . -3.08 9.87 -3.46
C12 DAO B . -2.33 10.72 -4.49
H21 DAO B . -3.02 7.88 4.76
H22 DAO B . -1.44 7.19 4.43
H31 DAO B . -2.19 7.70 2.23
H32 DAO B . -2.49 6.00 2.37
H41 DAO B . -4.52 6.59 1.46
H42 DAO B . -4.96 6.72 3.14
H51 DAO B . -4.52 9.27 3.02
H52 DAO B . -5.88 8.64 2.11
H61 DAO B . -4.01 8.48 0.08
H62 DAO B . -5.08 9.84 0.36
H71 DAO B . -3.40 11.18 1.47
H72 DAO B . -2.34 9.82 1.72
H81 DAO B . -1.36 11.10 0.00
H82 DAO B . -1.90 9.62 -0.76
H91 DAO B . -2.24 12.05 -1.88
H92 DAO B . -3.62 12.18 -0.83
H101 DAO B . -4.57 10.02 -1.88
H102 DAO B . -4.50 11.43 -2.93
H111 DAO B . -2.39 9.16 -2.97
H112 DAO B . -3.81 9.22 -4.00
H121 DAO B . -1.53 11.33 -4.01
H122 DAO B . -1.84 10.09 -5.25
H123 DAO B . -3.00 11.42 -5.02
N PHE A 1 -3.28 6.04 6.57
CA PHE A 1 -3.71 4.74 7.21
C PHE A 1 -4.37 3.59 6.38
N GLN A 2 -4.95 3.88 5.22
CA GLN A 2 -5.41 2.87 4.23
C GLN A 2 -4.30 2.01 3.54
N TRP A 3 -3.06 2.52 3.37
CA TRP A 3 -1.95 1.76 2.73
C TRP A 3 -0.50 2.19 3.13
N GLN A 4 -0.23 2.69 4.35
CA GLN A 4 1.12 3.23 4.74
C GLN A 4 2.38 2.31 4.61
N ARG A 5 2.19 0.98 4.59
CA ARG A 5 3.24 0.01 4.16
C ARG A 5 2.83 -0.95 2.96
N ASN A 6 1.86 -0.59 2.10
CA ASN A 6 1.33 -1.49 1.03
C ASN A 6 0.96 -0.71 -0.27
N ILE A 7 1.94 -0.32 -1.11
CA ILE A 7 1.66 0.40 -2.40
C ILE A 7 2.01 -0.45 -3.65
N ARG A 8 3.27 -0.91 -3.80
CA ARG A 8 3.69 -1.77 -4.94
C ARG A 8 2.99 -3.17 -5.04
N LYS A 9 2.61 -3.80 -3.91
CA LYS A 9 1.64 -4.93 -3.91
C LYS A 9 0.14 -4.59 -4.28
N VAL A 10 -0.29 -3.32 -4.22
CA VAL A 10 -1.59 -2.84 -4.76
C VAL A 10 -1.38 -2.36 -6.25
N ARG A 11 -0.67 -1.24 -6.48
CA ARG A 11 -0.22 -0.83 -7.84
C ARG A 11 1.04 0.09 -7.74
N NH2 A 12 0.98 1.31 -7.25
HN1 NH2 A 12 1.87 1.81 -7.24
HN2 NH2 A 12 0.08 1.63 -6.87
O1 DAO B . -2.05 4.88 4.71
C1 DAO B . -2.31 5.93 5.28
C2 DAO B . -1.81 7.28 4.73
C3 DAO B . -2.03 7.46 3.21
C4 DAO B . -3.50 7.66 2.78
C5 DAO B . -3.96 9.12 2.68
C6 DAO B . -5.42 9.22 2.20
C7 DAO B . -5.93 10.65 1.89
C8 DAO B . -6.54 11.44 3.06
C9 DAO B . -5.52 12.05 4.06
C10 DAO B . -6.15 12.95 5.14
C11 DAO B . -6.63 14.33 4.63
C12 DAO B . -7.18 15.20 5.76
H21 DAO B . -2.25 8.12 5.29
H22 DAO B . -0.72 7.32 4.94
H31 DAO B . -1.41 8.28 2.82
H32 DAO B . -1.65 6.55 2.72
H41 DAO B . -3.64 7.17 1.80
H42 DAO B . -4.17 7.11 3.46
H51 DAO B . -3.29 9.67 1.98
H52 DAO B . -3.83 9.61 3.66
H61 DAO B . -5.52 8.63 1.27
H62 DAO B . -6.10 8.72 2.92
H71 DAO B . -5.14 11.25 1.39
H72 DAO B . -6.71 10.56 1.12
H81 DAO B . -7.14 12.26 2.63
H82 DAO B . -7.27 10.81 3.60
H91 DAO B . -4.74 12.60 3.51
H92 DAO B . -5.00 11.23 4.57
H101 DAO B . -6.97 12.42 5.64
H102 DAO B . -5.39 13.11 5.93
H111 DAO B . -5.79 14.85 4.12
H112 DAO B . -7.41 14.20 3.85
H121 DAO B . -6.42 15.41 6.53
H122 DAO B . -7.52 16.19 5.38
H123 DAO B . -8.04 14.74 6.26
N PHE A 1 -3.78 5.77 6.45
CA PHE A 1 -3.96 4.44 7.14
C PHE A 1 -4.39 3.16 6.35
N GLN A 2 -5.07 3.33 5.21
CA GLN A 2 -5.41 2.24 4.25
C GLN A 2 -4.21 1.53 3.54
N TRP A 3 -3.07 2.21 3.32
CA TRP A 3 -1.88 1.61 2.66
C TRP A 3 -0.48 2.23 3.01
N GLN A 4 -0.25 2.79 4.21
CA GLN A 4 1.05 3.44 4.58
C GLN A 4 2.37 2.59 4.47
N ARG A 5 2.27 1.25 4.56
CA ARG A 5 3.36 0.31 4.20
C ARG A 5 3.14 -0.53 2.88
N ASN A 6 2.08 -0.29 2.06
CA ASN A 6 1.56 -1.31 1.08
C ASN A 6 1.07 -0.70 -0.27
N ILE A 7 1.99 -0.15 -1.08
CA ILE A 7 1.66 0.33 -2.48
C ILE A 7 2.23 -0.56 -3.64
N ARG A 8 3.22 -1.42 -3.38
CA ARG A 8 3.79 -2.33 -4.41
C ARG A 8 2.97 -3.65 -4.65
N LYS A 9 2.18 -4.13 -3.66
CA LYS A 9 1.01 -5.00 -3.92
C LYS A 9 -0.19 -4.33 -4.69
N VAL A 10 -0.56 -3.07 -4.36
CA VAL A 10 -1.65 -2.32 -5.08
C VAL A 10 -0.97 -1.43 -6.16
N ARG A 11 -0.53 -2.03 -7.30
CA ARG A 11 0.29 -1.32 -8.31
C ARG A 11 -0.54 -0.29 -9.15
N NH2 A 12 -0.50 0.98 -8.82
HN1 NH2 A 12 -1.15 1.55 -9.38
HN2 NH2 A 12 -0.19 1.18 -7.86
O1 DAO B . -2.32 4.78 4.61
C1 DAO B . -2.77 5.79 5.14
C2 DAO B . -2.48 7.19 4.56
C3 DAO B . -2.72 7.31 3.04
C4 DAO B . -4.20 7.19 2.56
C5 DAO B . -4.90 8.52 2.21
C6 DAO B . -5.66 9.16 3.39
C7 DAO B . -6.31 10.50 3.00
C8 DAO B . -7.30 11.03 4.06
C9 DAO B . -8.71 10.38 3.95
C10 DAO B . -9.65 10.81 5.10
C11 DAO B . -11.08 10.25 4.92
C12 DAO B . -11.98 10.59 6.10
H21 DAO B . -3.08 7.94 5.09
H22 DAO B . -1.43 7.42 4.78
H31 DAO B . -2.27 8.24 2.65
H32 DAO B . -2.14 6.50 2.55
H41 DAO B . -4.21 6.55 1.66
H42 DAO B . -4.79 6.63 3.29
H51 DAO B . -5.64 8.31 1.40
H52 DAO B . -4.19 9.23 1.76
H61 DAO B . -6.42 8.45 3.76
H62 DAO B . -4.96 9.32 4.24
H71 DAO B . -5.52 11.25 2.85
H72 DAO B . -6.82 10.43 2.02
H81 DAO B . -6.89 10.89 5.07
H82 DAO B . -7.41 12.12 3.93
H91 DAO B . -8.62 9.28 3.94
H92 DAO B . -9.15 10.65 2.97
H101 DAO B . -9.23 10.46 6.07
H102 DAO B . -9.68 11.91 5.17
H111 DAO B . -11.52 10.66 3.99
H112 DAO B . -11.04 9.15 4.78
H121 DAO B . -11.61 10.13 7.04
H122 DAO B . -12.05 11.68 6.28
H123 DAO B . -13.01 10.21 5.95
#